data_6Y2D
#
_entry.id   6Y2D
#
_cell.length_a   28.888
_cell.length_b   82.181
_cell.length_c   49.371
_cell.angle_alpha   90.000
_cell.angle_beta   91.040
_cell.angle_gamma   90.000
#
_symmetry.space_group_name_H-M   'P 1 21 1'
#
loop_
_entity.id
_entity.type
_entity.pdbx_description
1 polymer 'Far upstream element-binding protein 1'
2 non-polymer 'SULFATE ION'
3 non-polymer GLYCEROL
4 water water
#
_entity_poly.entity_id   1
_entity_poly.type   'polypeptide(L)'
_entity_poly.pdbx_seq_one_letter_code
;SMNAVQEIMIPASKAGLVIGKGGETIKQLQERAGVKMVMIQDGPQNTGADKPLRITGDPYKVQQAKEMVLELIRDQG
;
_entity_poly.pdbx_strand_id   A,B,C,D
#
loop_
_chem_comp.id
_chem_comp.type
_chem_comp.name
_chem_comp.formula
GOL non-polymer GLYCEROL 'C3 H8 O3'
SO4 non-polymer 'SULFATE ION' 'O4 S -2'
#
# COMPACT_ATOMS: atom_id res chain seq x y z
C SER A 1 -22.79 7.18 1.45
N MET A 2 -22.54 7.14 2.76
CA MET A 2 -22.05 8.31 3.57
C MET A 2 -20.57 8.54 3.31
N ASN A 3 -20.13 9.78 3.44
CA ASN A 3 -18.75 10.17 3.13
C ASN A 3 -17.76 9.51 4.12
N ALA A 4 -16.64 9.05 3.61
CA ALA A 4 -15.47 8.75 4.44
C ALA A 4 -14.71 10.04 4.69
N VAL A 5 -14.02 10.09 5.83
CA VAL A 5 -13.10 11.19 6.19
C VAL A 5 -11.78 10.54 6.59
N GLN A 6 -10.71 10.89 5.90
CA GLN A 6 -9.35 10.40 6.24
C GLN A 6 -8.38 11.57 6.30
N GLU A 7 -7.45 11.51 7.24
CA GLU A 7 -6.45 12.56 7.44
C GLU A 7 -5.10 12.00 7.02
N ILE A 8 -4.41 12.75 6.20
CA ILE A 8 -2.98 12.56 5.90
C ILE A 8 -2.22 13.65 6.64
N MET A 9 -1.26 13.29 7.46
CA MET A 9 -0.37 14.26 8.11
C MET A 9 0.67 14.75 7.10
N ILE A 10 0.72 16.05 6.86
CA ILE A 10 1.64 16.65 5.85
C ILE A 10 2.73 17.39 6.61
N PRO A 11 4.02 17.01 6.44
CA PRO A 11 5.08 17.78 7.08
C PRO A 11 4.98 19.27 6.64
N ALA A 12 5.32 20.18 7.52
CA ALA A 12 5.29 21.65 7.25
C ALA A 12 6.06 21.97 5.97
N SER A 13 7.16 21.26 5.70
CA SER A 13 8.06 21.48 4.55
C SER A 13 7.41 20.99 3.24
N LYS A 14 6.31 20.23 3.32
CA LYS A 14 5.62 19.65 2.15
C LYS A 14 4.28 20.34 1.91
N ALA A 15 3.79 21.17 2.83
CA ALA A 15 2.43 21.76 2.80
C ALA A 15 2.24 22.57 1.51
N GLY A 16 3.23 23.40 1.18
CA GLY A 16 3.19 24.27 -0.01
C GLY A 16 3.11 23.46 -1.27
N LEU A 17 3.74 22.30 -1.28
CA LEU A 17 3.76 21.37 -2.43
C LEU A 17 2.35 20.78 -2.65
N VAL A 18 1.67 20.43 -1.56
CA VAL A 18 0.30 19.86 -1.62
C VAL A 18 -0.66 20.91 -2.17
N ILE A 19 -0.58 22.14 -1.64
CA ILE A 19 -1.53 23.22 -2.02
C ILE A 19 -1.14 23.75 -3.40
N GLY A 20 0.15 24.05 -3.58
CA GLY A 20 0.73 24.66 -4.80
C GLY A 20 0.42 26.15 -4.88
N LYS A 21 0.99 26.84 -5.86
CA LYS A 21 0.76 28.29 -6.13
C LYS A 21 -0.70 28.51 -6.53
N GLY A 22 -1.41 29.42 -5.87
CA GLY A 22 -2.83 29.68 -6.16
C GLY A 22 -3.75 28.56 -5.67
N GLY A 23 -3.24 27.53 -4.99
CA GLY A 23 -4.02 26.31 -4.69
C GLY A 23 -4.18 25.42 -5.91
N GLU A 24 -3.40 25.59 -6.98
CA GLU A 24 -3.61 24.85 -8.25
C GLU A 24 -3.33 23.35 -8.06
N THR A 25 -2.41 22.98 -7.17
CA THR A 25 -2.07 21.56 -6.96
C THR A 25 -3.24 20.87 -6.21
N ILE A 26 -3.74 21.47 -5.13
CA ILE A 26 -4.83 20.82 -4.36
C ILE A 26 -6.12 20.82 -5.20
N LYS A 27 -6.33 21.82 -6.05
CA LYS A 27 -7.46 21.77 -6.99
C LYS A 27 -7.32 20.60 -7.94
N GLN A 28 -6.14 20.39 -8.53
CA GLN A 28 -5.91 19.24 -9.44
C GLN A 28 -6.15 17.93 -8.69
N LEU A 29 -5.64 17.82 -7.49
CA LEU A 29 -5.76 16.59 -6.71
C LEU A 29 -7.25 16.30 -6.48
N GLN A 30 -8.03 17.31 -6.09
CA GLN A 30 -9.48 17.15 -5.84
C GLN A 30 -10.16 16.68 -7.13
N GLU A 31 -9.84 17.27 -8.28
CA GLU A 31 -10.45 16.89 -9.57
C GLU A 31 -10.04 15.46 -9.93
N ARG A 32 -8.76 15.12 -9.82
CA ARG A 32 -8.26 13.80 -10.27
C ARG A 32 -8.84 12.71 -9.37
N ALA A 33 -8.97 12.92 -8.07
CA ALA A 33 -9.46 11.90 -7.12
C ALA A 33 -10.96 11.98 -6.92
N GLY A 34 -11.62 13.10 -7.25
CA GLY A 34 -13.07 13.24 -7.06
C GLY A 34 -13.50 13.33 -5.62
N VAL A 35 -12.75 14.05 -4.79
CA VAL A 35 -13.03 14.22 -3.34
C VAL A 35 -12.76 15.66 -2.99
N LYS A 36 -13.11 16.02 -1.77
CA LYS A 36 -12.75 17.30 -1.17
C LYS A 36 -11.53 17.15 -0.29
N MET A 37 -10.63 18.09 -0.39
CA MET A 37 -9.42 18.10 0.45
C MET A 37 -9.26 19.51 1.03
N VAL A 38 -9.00 19.57 2.32
CA VAL A 38 -8.73 20.85 3.03
CA VAL A 38 -8.74 20.85 3.04
C VAL A 38 -7.71 20.59 4.13
N MET A 39 -6.76 21.50 4.32
CA MET A 39 -5.86 21.47 5.50
C MET A 39 -6.64 21.80 6.80
N ILE A 40 -6.26 21.17 7.88
CA ILE A 40 -6.74 21.47 9.27
C ILE A 40 -5.77 22.46 9.93
N ALA A 49 5.20 22.40 12.25
CA ALA A 49 4.52 21.18 12.74
C ALA A 49 3.72 20.54 11.59
N ASP A 50 3.65 19.22 11.56
CA ASP A 50 2.92 18.47 10.53
C ASP A 50 1.46 18.86 10.61
N LYS A 51 0.79 18.99 9.46
CA LYS A 51 -0.58 19.52 9.35
C LYS A 51 -1.46 18.45 8.73
N PRO A 52 -2.64 18.17 9.31
CA PRO A 52 -3.56 17.22 8.70
C PRO A 52 -4.22 17.80 7.45
N LEU A 53 -4.16 17.04 6.37
CA LEU A 53 -4.99 17.25 5.17
C LEU A 53 -6.21 16.35 5.30
N ARG A 54 -7.39 16.95 5.41
CA ARG A 54 -8.62 16.16 5.59
C ARG A 54 -9.21 15.86 4.21
N ILE A 55 -9.38 14.58 3.92
CA ILE A 55 -9.95 14.13 2.62
C ILE A 55 -11.34 13.58 2.91
N THR A 56 -12.35 14.10 2.20
CA THR A 56 -13.75 13.73 2.46
CA THR A 56 -13.75 13.75 2.46
C THR A 56 -14.40 13.35 1.12
N GLY A 57 -15.15 12.30 1.10
CA GLY A 57 -15.84 11.95 -0.14
C GLY A 57 -16.33 10.55 -0.10
N ASP A 58 -16.61 10.04 -1.27
CA ASP A 58 -17.03 8.64 -1.48
C ASP A 58 -15.92 7.73 -0.91
N PRO A 59 -16.29 6.71 -0.11
CA PRO A 59 -15.29 5.89 0.57
C PRO A 59 -14.23 5.32 -0.37
N TYR A 60 -14.63 4.90 -1.55
CA TYR A 60 -13.65 4.36 -2.57
C TYR A 60 -12.71 5.47 -3.05
N LYS A 61 -13.24 6.65 -3.33
CA LYS A 61 -12.43 7.77 -3.86
C LYS A 61 -11.46 8.25 -2.79
N VAL A 62 -11.85 8.18 -1.54
CA VAL A 62 -10.96 8.65 -0.43
C VAL A 62 -9.70 7.74 -0.38
N GLN A 63 -9.85 6.45 -0.56
CA GLN A 63 -8.73 5.49 -0.46
C GLN A 63 -7.73 5.83 -1.58
N GLN A 64 -8.24 6.07 -2.78
CA GLN A 64 -7.32 6.35 -3.92
C GLN A 64 -6.65 7.68 -3.69
N ALA A 65 -7.42 8.67 -3.22
CA ALA A 65 -6.90 10.03 -3.00
C ALA A 65 -5.80 9.96 -1.95
N LYS A 66 -5.98 9.15 -0.90
CA LYS A 66 -4.93 8.98 0.11
C LYS A 66 -3.61 8.52 -0.56
N GLU A 67 -3.70 7.53 -1.44
CA GLU A 67 -2.50 7.02 -2.12
C GLU A 67 -1.88 8.12 -2.99
N MET A 68 -2.70 8.86 -3.73
CA MET A 68 -2.21 9.91 -4.65
C MET A 68 -1.44 10.96 -3.83
N VAL A 69 -2.02 11.39 -2.71
CA VAL A 69 -1.39 12.45 -1.88
C VAL A 69 -0.07 11.88 -1.30
N LEU A 70 -0.11 10.66 -0.75
CA LEU A 70 1.13 10.14 -0.11
C LEU A 70 2.23 10.04 -1.17
N GLU A 71 1.88 9.62 -2.39
CA GLU A 71 2.88 9.47 -3.48
C GLU A 71 3.45 10.83 -3.84
N LEU A 72 2.60 11.85 -3.90
CA LEU A 72 3.06 13.21 -4.28
C LEU A 72 4.11 13.65 -3.26
N ILE A 73 3.84 13.52 -1.97
CA ILE A 73 4.69 14.18 -0.93
C ILE A 73 5.93 13.34 -0.62
N ARG A 74 5.99 12.06 -1.04
CA ARG A 74 7.26 11.27 -1.09
C ARG A 74 8.32 12.02 -1.93
N ASP A 75 9.58 11.99 -1.49
N MET B 2 -10.79 -14.39 1.93
CA MET B 2 -11.71 -13.17 1.77
C MET B 2 -10.84 -11.93 1.55
N ASN B 3 -9.57 -12.04 1.91
CA ASN B 3 -8.62 -10.91 2.05
C ASN B 3 -7.47 -11.13 1.05
N ALA B 4 -7.62 -12.05 0.07
CA ALA B 4 -6.54 -12.42 -0.87
C ALA B 4 -6.13 -11.25 -1.76
N VAL B 5 -4.88 -11.18 -2.16
CA VAL B 5 -4.34 -9.98 -2.84
C VAL B 5 -3.60 -10.38 -4.09
N GLN B 6 -3.85 -9.67 -5.19
CA GLN B 6 -2.97 -9.78 -6.38
C GLN B 6 -2.67 -8.39 -6.92
N GLU B 7 -1.46 -8.18 -7.42
CA GLU B 7 -1.12 -6.92 -8.12
C GLU B 7 -0.94 -7.22 -9.58
N ILE B 8 -1.61 -6.49 -10.42
CA ILE B 8 -1.38 -6.55 -11.88
C ILE B 8 -0.66 -5.26 -12.31
N MET B 9 0.31 -5.44 -13.16
CA MET B 9 1.15 -4.33 -13.64
C MET B 9 0.41 -3.61 -14.77
N ILE B 10 0.18 -2.35 -14.60
CA ILE B 10 -0.60 -1.49 -15.56
C ILE B 10 0.40 -0.61 -16.29
N PRO B 11 0.44 -0.60 -17.63
CA PRO B 11 1.26 0.36 -18.36
C PRO B 11 1.00 1.78 -17.86
N ALA B 12 2.03 2.60 -17.70
CA ALA B 12 1.93 3.94 -17.07
C ALA B 12 0.89 4.78 -17.83
N SER B 13 0.82 4.63 -19.15
CA SER B 13 -0.04 5.42 -20.05
C SER B 13 -1.49 4.95 -19.95
N LYS B 14 -1.78 3.88 -19.20
CA LYS B 14 -3.14 3.29 -19.06
C LYS B 14 -3.68 3.46 -17.63
N ALA B 15 -2.86 3.88 -16.67
CA ALA B 15 -3.27 4.11 -15.28
C ALA B 15 -4.42 5.12 -15.21
N GLY B 16 -4.35 6.20 -15.95
CA GLY B 16 -5.41 7.24 -15.97
C GLY B 16 -6.74 6.68 -16.46
N LEU B 17 -6.70 5.72 -17.37
CA LEU B 17 -7.94 5.09 -17.89
C LEU B 17 -8.56 4.21 -16.81
N VAL B 18 -7.72 3.54 -16.03
CA VAL B 18 -8.23 2.64 -14.97
C VAL B 18 -8.83 3.50 -13.87
N ILE B 19 -8.16 4.58 -13.48
CA ILE B 19 -8.69 5.48 -12.40
C ILE B 19 -9.93 6.23 -12.92
N GLY B 20 -9.79 6.79 -14.12
CA GLY B 20 -10.83 7.57 -14.83
C GLY B 20 -10.92 8.96 -14.25
N LYS B 21 -11.69 9.83 -14.89
CA LYS B 21 -11.90 11.22 -14.45
C LYS B 21 -12.66 11.22 -13.11
N GLY B 22 -12.13 11.96 -12.13
CA GLY B 22 -12.77 11.99 -10.80
C GLY B 22 -12.64 10.65 -10.06
N GLY B 23 -11.81 9.69 -10.51
CA GLY B 23 -11.64 8.37 -9.85
C GLY B 23 -12.87 7.46 -10.09
N GLU B 24 -13.79 7.91 -10.96
CA GLU B 24 -15.10 7.26 -11.13
C GLU B 24 -14.95 5.89 -11.77
N THR B 25 -13.97 5.67 -12.62
CA THR B 25 -13.80 4.36 -13.29
C THR B 25 -13.34 3.31 -12.27
N ILE B 26 -12.36 3.61 -11.44
CA ILE B 26 -11.83 2.60 -10.50
C ILE B 26 -12.91 2.35 -9.46
N LYS B 27 -13.67 3.36 -9.07
CA LYS B 27 -14.81 3.18 -8.15
C LYS B 27 -15.79 2.15 -8.77
N GLN B 28 -16.16 2.34 -10.04
CA GLN B 28 -17.15 1.48 -10.69
C GLN B 28 -16.58 0.06 -10.80
N LEU B 29 -15.31 -0.09 -11.13
CA LEU B 29 -14.70 -1.42 -11.29
C LEU B 29 -14.79 -2.12 -9.94
N GLN B 30 -14.45 -1.45 -8.85
CA GLN B 30 -14.51 -2.05 -7.49
C GLN B 30 -15.94 -2.47 -7.18
N GLU B 31 -16.94 -1.62 -7.46
CA GLU B 31 -18.36 -1.93 -7.19
C GLU B 31 -18.80 -3.12 -8.05
N ARG B 32 -18.46 -3.13 -9.33
CA ARG B 32 -18.97 -4.17 -10.26
C ARG B 32 -18.35 -5.54 -9.88
N ALA B 33 -17.07 -5.57 -9.51
CA ALA B 33 -16.29 -6.81 -9.26
C ALA B 33 -16.39 -7.25 -7.80
N GLY B 34 -16.82 -6.38 -6.89
CA GLY B 34 -16.88 -6.71 -5.45
C GLY B 34 -15.51 -6.88 -4.81
N VAL B 35 -14.56 -6.01 -5.14
CA VAL B 35 -13.18 -6.05 -4.61
C VAL B 35 -12.76 -4.64 -4.24
N LYS B 36 -11.63 -4.55 -3.55
CA LYS B 36 -10.92 -3.27 -3.37
C LYS B 36 -9.81 -3.20 -4.38
N MET B 37 -9.59 -2.04 -4.92
CA MET B 37 -8.48 -1.77 -5.86
C MET B 37 -7.78 -0.49 -5.47
N VAL B 38 -6.45 -0.53 -5.48
CA VAL B 38 -5.66 0.72 -5.32
C VAL B 38 -4.56 0.75 -6.37
N MET B 39 -4.55 1.80 -7.17
CA MET B 39 -3.47 2.02 -8.16
C MET B 39 -2.31 2.64 -7.41
N ILE B 40 -1.21 1.91 -7.30
CA ILE B 40 0.02 2.36 -6.63
C ILE B 40 1.01 2.77 -7.71
N GLN B 41 1.81 3.77 -7.44
CA GLN B 41 3.11 4.02 -8.11
C GLN B 41 4.13 4.29 -6.99
N ASP B 42 5.05 3.33 -6.73
CA ASP B 42 6.17 3.52 -5.75
C ASP B 42 7.44 3.96 -6.51
N GLY B 43 8.57 4.15 -5.81
CA GLY B 43 9.69 5.02 -6.23
C GLY B 43 9.88 5.09 -7.73
N THR B 47 8.56 6.82 -13.57
CA THR B 47 8.36 7.66 -14.79
C THR B 47 8.46 6.76 -16.04
N GLY B 48 7.32 6.32 -16.57
CA GLY B 48 7.26 5.38 -17.71
C GLY B 48 7.15 3.91 -17.29
N ALA B 49 7.39 3.59 -16.01
CA ALA B 49 7.39 2.18 -15.56
C ALA B 49 5.94 1.73 -15.39
N ASP B 50 5.69 0.45 -15.67
CA ASP B 50 4.40 -0.22 -15.34
C ASP B 50 4.12 0.00 -13.85
N LYS B 51 2.87 0.16 -13.46
CA LYS B 51 2.45 0.50 -12.09
C LYS B 51 1.53 -0.60 -11.56
N PRO B 52 1.73 -1.05 -10.32
CA PRO B 52 0.88 -2.06 -9.73
C PRO B 52 -0.50 -1.54 -9.37
N LEU B 53 -1.49 -2.28 -9.81
CA LEU B 53 -2.87 -2.14 -9.37
C LEU B 53 -3.10 -3.25 -8.36
N ARG B 54 -3.28 -2.89 -7.09
CA ARG B 54 -3.48 -3.95 -6.08
C ARG B 54 -4.95 -4.24 -5.89
N ILE B 55 -5.32 -5.50 -6.09
CA ILE B 55 -6.72 -5.96 -6.03
C ILE B 55 -6.84 -6.88 -4.85
N THR B 56 -7.82 -6.62 -3.99
CA THR B 56 -7.94 -7.36 -2.72
C THR B 56 -9.38 -7.81 -2.59
N GLY B 57 -9.55 -9.08 -2.32
CA GLY B 57 -10.82 -9.63 -1.87
C GLY B 57 -10.85 -11.11 -2.10
N ASP B 58 -12.03 -11.63 -2.37
CA ASP B 58 -12.23 -13.07 -2.63
C ASP B 58 -11.37 -13.49 -3.81
N PRO B 59 -10.62 -14.59 -3.73
CA PRO B 59 -9.68 -14.95 -4.78
C PRO B 59 -10.35 -14.98 -6.16
N TYR B 60 -11.59 -15.48 -6.25
CA TYR B 60 -12.29 -15.56 -7.56
C TYR B 60 -12.68 -14.15 -8.03
N LYS B 61 -13.16 -13.31 -7.12
CA LYS B 61 -13.54 -11.91 -7.46
C LYS B 61 -12.31 -11.14 -7.87
N VAL B 62 -11.15 -11.45 -7.31
CA VAL B 62 -9.87 -10.79 -7.70
C VAL B 62 -9.56 -11.15 -9.17
N GLN B 63 -9.68 -12.41 -9.52
CA GLN B 63 -9.43 -12.92 -10.89
C GLN B 63 -10.38 -12.22 -11.85
N GLN B 64 -11.65 -12.16 -11.49
CA GLN B 64 -12.69 -11.53 -12.34
C GLN B 64 -12.37 -10.03 -12.54
N ALA B 65 -11.98 -9.36 -11.47
CA ALA B 65 -11.64 -7.93 -11.49
C ALA B 65 -10.42 -7.72 -12.40
N LYS B 66 -9.44 -8.62 -12.30
CA LYS B 66 -8.25 -8.54 -13.17
C LYS B 66 -8.70 -8.60 -14.63
N GLU B 67 -9.63 -9.50 -14.95
CA GLU B 67 -10.09 -9.65 -16.34
C GLU B 67 -10.82 -8.36 -16.77
N MET B 68 -11.65 -7.76 -15.92
CA MET B 68 -12.36 -6.49 -16.28
C MET B 68 -11.33 -5.42 -16.62
N VAL B 69 -10.31 -5.27 -15.79
CA VAL B 69 -9.25 -4.26 -16.01
C VAL B 69 -8.51 -4.54 -17.30
N LEU B 70 -8.10 -5.79 -17.52
CA LEU B 70 -7.31 -6.13 -18.73
C LEU B 70 -8.16 -5.80 -19.96
N GLU B 71 -9.45 -6.09 -19.92
CA GLU B 71 -10.37 -5.80 -21.05
C GLU B 71 -10.45 -4.29 -21.26
N LEU B 72 -10.56 -3.52 -20.18
CA LEU B 72 -10.69 -2.04 -20.25
C LEU B 72 -9.43 -1.45 -20.93
N ILE B 73 -8.23 -1.93 -20.58
CA ILE B 73 -6.97 -1.30 -21.07
C ILE B 73 -6.59 -1.85 -22.44
N ARG B 74 -7.18 -2.96 -22.89
CA ARG B 74 -7.18 -3.38 -24.33
C ARG B 74 -7.91 -2.30 -25.12
N ASN C 3 -3.21 -16.24 15.33
CA ASN C 3 -2.48 -16.22 14.03
C ASN C 3 -3.26 -15.49 12.94
N ALA C 4 -2.67 -14.46 12.38
CA ALA C 4 -3.16 -13.77 11.18
C ALA C 4 -2.75 -14.60 9.96
N VAL C 5 -3.59 -14.56 8.95
CA VAL C 5 -3.37 -15.22 7.64
C VAL C 5 -3.66 -14.21 6.54
N GLN C 6 -2.72 -14.07 5.63
CA GLN C 6 -2.90 -13.31 4.36
C GLN C 6 -2.52 -14.22 3.19
N GLU C 7 -3.12 -14.01 2.04
CA GLU C 7 -2.84 -14.81 0.85
C GLU C 7 -2.53 -13.86 -0.28
N ILE C 8 -1.49 -14.17 -1.02
CA ILE C 8 -1.14 -13.53 -2.30
C ILE C 8 -1.42 -14.56 -3.39
N MET C 9 -2.22 -14.23 -4.35
CA MET C 9 -2.57 -15.14 -5.47
C MET C 9 -1.43 -15.15 -6.49
N ILE C 10 -0.84 -16.30 -6.72
CA ILE C 10 0.33 -16.44 -7.63
C ILE C 10 -0.13 -17.21 -8.88
N PRO C 11 -0.02 -16.62 -10.08
CA PRO C 11 -0.31 -17.37 -11.31
C PRO C 11 0.52 -18.66 -11.33
N ALA C 12 -0.06 -19.75 -11.85
CA ALA C 12 0.56 -21.08 -11.80
C ALA C 12 1.93 -21.03 -12.51
N SER C 13 2.03 -20.21 -13.55
CA SER C 13 3.27 -19.91 -14.32
C SER C 13 3.98 -18.69 -13.71
N LYS C 14 4.09 -18.63 -12.38
CA LYS C 14 4.91 -17.58 -11.70
C LYS C 14 5.40 -18.08 -10.33
N ALA C 15 5.04 -19.29 -9.91
CA ALA C 15 5.33 -19.87 -8.58
C ALA C 15 6.84 -19.79 -8.24
N GLY C 16 7.71 -20.16 -9.19
CA GLY C 16 9.15 -20.35 -8.96
C GLY C 16 9.85 -19.15 -8.36
N LEU C 17 9.57 -17.93 -8.81
CA LEU C 17 10.31 -16.73 -8.33
C LEU C 17 9.89 -16.43 -6.86
N GLU C 24 15.07 -21.44 -1.07
CA GLU C 24 16.04 -20.43 -0.60
C GLU C 24 15.32 -19.09 -0.42
N THR C 25 14.60 -18.63 -1.43
CA THR C 25 14.00 -17.27 -1.38
C THR C 25 12.82 -17.27 -0.40
N ILE C 26 11.93 -18.26 -0.44
CA ILE C 26 10.77 -18.24 0.48
C ILE C 26 11.28 -18.49 1.89
N LYS C 27 12.34 -19.27 2.07
CA LYS C 27 12.98 -19.43 3.41
C LYS C 27 13.44 -18.07 3.90
N GLN C 28 14.12 -17.28 3.06
CA GLN C 28 14.68 -15.98 3.46
C GLN C 28 13.54 -15.03 3.81
N LEU C 29 12.50 -15.05 3.01
CA LEU C 29 11.35 -14.15 3.23
C LEU C 29 10.74 -14.50 4.58
N GLN C 30 10.51 -15.79 4.84
CA GLN C 30 9.94 -16.27 6.13
C GLN C 30 10.81 -15.77 7.28
N GLU C 31 12.13 -15.92 7.18
CA GLU C 31 13.07 -15.56 8.26
C GLU C 31 13.08 -14.05 8.42
N ARG C 32 13.12 -13.28 7.34
CA ARG C 32 13.23 -11.81 7.44
C ARG C 32 11.97 -11.25 8.07
N ALA C 33 10.81 -11.79 7.76
CA ALA C 33 9.50 -11.25 8.22
C ALA C 33 9.04 -11.91 9.51
N GLY C 34 9.64 -13.03 9.93
CA GLY C 34 9.20 -13.75 11.15
C GLY C 34 7.85 -14.41 11.01
N VAL C 35 7.57 -15.03 9.88
CA VAL C 35 6.25 -15.67 9.57
C VAL C 35 6.49 -16.99 8.86
N LYS C 36 5.45 -17.78 8.74
CA LYS C 36 5.42 -18.99 7.88
C LYS C 36 4.80 -18.60 6.54
N MET C 37 5.34 -19.16 5.47
CA MET C 37 4.75 -19.01 4.12
C MET C 37 4.75 -20.37 3.47
N VAL C 38 3.69 -20.68 2.73
CA VAL C 38 3.51 -21.98 2.08
C VAL C 38 2.57 -21.77 0.89
N MET C 39 2.83 -22.47 -0.18
CA MET C 39 1.92 -22.47 -1.36
C MET C 39 0.74 -23.43 -1.11
N ILE C 40 -0.44 -22.98 -1.48
CA ILE C 40 -1.71 -23.71 -1.33
C ILE C 40 -2.06 -24.30 -2.69
N GLN C 41 -2.62 -25.49 -2.68
CA GLN C 41 -3.06 -26.18 -3.92
C GLN C 41 -1.82 -26.30 -4.84
N ASP C 42 -0.67 -26.61 -4.25
CA ASP C 42 0.62 -26.76 -4.99
C ASP C 42 1.00 -28.25 -5.13
N GLY C 43 0.10 -29.17 -4.78
CA GLY C 43 0.34 -30.63 -4.82
C GLY C 43 0.34 -31.19 -6.23
N PRO C 44 0.52 -32.53 -6.33
CA PRO C 44 0.76 -33.15 -7.61
C PRO C 44 -0.45 -33.21 -8.57
N GLN C 45 -1.66 -32.81 -8.16
CA GLN C 45 -2.81 -32.58 -9.07
C GLN C 45 -2.42 -31.51 -10.09
N ASN C 46 -1.35 -30.76 -9.82
CA ASN C 46 -0.70 -29.88 -10.81
C ASN C 46 -1.71 -28.95 -11.49
N THR C 47 -2.42 -28.12 -10.71
CA THR C 47 -3.49 -27.24 -11.21
C THR C 47 -2.86 -26.06 -11.98
N GLY C 48 -3.53 -25.57 -13.02
CA GLY C 48 -3.16 -24.31 -13.71
C GLY C 48 -3.94 -23.13 -13.17
N ALA C 49 -4.81 -23.35 -12.18
CA ALA C 49 -5.46 -22.31 -11.37
C ALA C 49 -4.40 -21.50 -10.60
N ASP C 50 -4.65 -20.21 -10.42
CA ASP C 50 -3.78 -19.35 -9.59
C ASP C 50 -3.68 -19.99 -8.21
N LYS C 51 -2.50 -19.93 -7.60
CA LYS C 51 -2.27 -20.61 -6.29
C LYS C 51 -2.03 -19.57 -5.23
N PRO C 52 -2.70 -19.65 -4.09
CA PRO C 52 -2.38 -18.76 -2.99
C PRO C 52 -1.00 -19.11 -2.42
N LEU C 53 -0.22 -18.07 -2.15
CA LEU C 53 0.90 -18.10 -1.18
C LEU C 53 0.35 -17.67 0.15
N ARG C 54 0.31 -18.57 1.11
CA ARG C 54 -0.38 -18.28 2.36
C ARG C 54 0.68 -17.88 3.38
N ILE C 55 0.50 -16.71 3.97
CA ILE C 55 1.39 -16.13 5.03
C ILE C 55 0.67 -16.23 6.35
N THR C 56 1.30 -16.87 7.37
CA THR C 56 0.65 -17.11 8.66
C THR C 56 1.59 -16.67 9.76
N GLY C 57 1.09 -15.93 10.71
CA GLY C 57 1.91 -15.56 11.85
C GLY C 57 1.36 -14.40 12.60
N ASP C 58 2.22 -13.74 13.31
CA ASP C 58 1.86 -12.61 14.18
C ASP C 58 1.10 -11.51 13.42
N PRO C 59 -0.03 -11.05 13.98
CA PRO C 59 -0.84 -10.02 13.33
C PRO C 59 -0.07 -8.78 12.89
N TYR C 60 0.95 -8.37 13.64
CA TYR C 60 1.76 -7.17 13.34
C TYR C 60 2.81 -7.43 12.27
N LYS C 61 3.16 -8.68 11.94
CA LYS C 61 4.26 -9.03 11.04
C LYS C 61 3.68 -9.44 9.68
N VAL C 62 2.42 -9.90 9.63
CA VAL C 62 1.92 -10.48 8.37
C VAL C 62 1.81 -9.39 7.31
N GLN C 63 1.38 -8.17 7.65
CA GLN C 63 1.23 -7.10 6.65
C GLN C 63 2.61 -6.79 6.06
N GLN C 64 3.64 -6.69 6.90
CA GLN C 64 5.00 -6.41 6.41
C GLN C 64 5.46 -7.56 5.50
N ALA C 65 5.21 -8.81 5.91
CA ALA C 65 5.63 -9.97 5.07
C ALA C 65 4.93 -9.87 3.71
N LYS C 66 3.65 -9.60 3.74
CA LYS C 66 2.84 -9.47 2.52
C LYS C 66 3.45 -8.39 1.60
N GLU C 67 3.83 -7.27 2.16
CA GLU C 67 4.39 -6.16 1.38
C GLU C 67 5.73 -6.60 0.78
N MET C 68 6.57 -7.30 1.54
CA MET C 68 7.89 -7.77 1.02
C MET C 68 7.65 -8.69 -0.16
N VAL C 69 6.72 -9.59 -0.05
CA VAL C 69 6.46 -10.60 -1.12
C VAL C 69 5.89 -9.88 -2.35
N LEU C 70 4.93 -8.99 -2.16
CA LEU C 70 4.33 -8.28 -3.31
C LEU C 70 5.43 -7.49 -4.02
N GLU C 71 6.33 -6.87 -3.29
CA GLU C 71 7.43 -6.06 -3.87
C GLU C 71 8.37 -6.97 -4.64
N LEU C 72 8.63 -8.18 -4.15
CA LEU C 72 9.45 -9.13 -4.91
C LEU C 72 8.76 -9.46 -6.25
N ILE C 73 7.48 -9.80 -6.22
CA ILE C 73 6.72 -10.27 -7.44
C ILE C 73 6.64 -9.16 -8.48
N ARG C 74 6.60 -7.89 -8.03
CA ARG C 74 6.55 -6.71 -8.94
C ARG C 74 7.79 -6.71 -9.83
N ASP C 75 8.86 -7.39 -9.42
CA ASP C 75 10.09 -7.39 -10.22
C ASP C 75 10.14 -8.53 -11.26
N GLN C 76 9.07 -9.29 -11.47
CA GLN C 76 8.84 -10.20 -12.66
C GLN C 76 9.12 -11.63 -12.19
N SER D 1 -10.21 5.65 17.19
CA SER D 1 -10.17 5.73 15.71
C SER D 1 -8.73 5.67 15.19
N MET D 2 -8.59 5.32 13.92
CA MET D 2 -7.30 5.11 13.23
C MET D 2 -7.45 5.67 11.82
N ASN D 3 -7.95 6.91 11.74
CA ASN D 3 -8.26 7.56 10.46
C ASN D 3 -7.17 8.60 10.09
N ALA D 4 -5.94 8.49 10.63
CA ALA D 4 -4.81 9.32 10.14
C ALA D 4 -3.71 8.45 9.58
N VAL D 5 -3.00 8.96 8.58
CA VAL D 5 -1.84 8.29 7.95
C VAL D 5 -0.72 9.30 7.83
N GLN D 6 0.49 8.85 8.12
CA GLN D 6 1.73 9.59 7.84
C GLN D 6 2.75 8.62 7.27
N GLU D 7 3.57 9.10 6.37
CA GLU D 7 4.71 8.30 5.89
C GLU D 7 5.91 9.10 6.34
N ILE D 8 6.82 8.42 7.04
CA ILE D 8 8.16 8.93 7.37
C ILE D 8 9.10 8.32 6.36
N MET D 9 9.92 9.13 5.72
CA MET D 9 10.91 8.63 4.74
C MET D 9 12.11 8.10 5.50
N ILE D 10 12.40 6.82 5.42
CA ILE D 10 13.51 6.16 6.18
C ILE D 10 14.71 5.97 5.24
N PRO D 11 15.89 6.51 5.58
CA PRO D 11 17.09 6.24 4.78
C PRO D 11 17.28 4.71 4.60
N ALA D 12 17.68 4.29 3.40
CA ALA D 12 17.76 2.85 3.02
C ALA D 12 18.61 2.08 4.03
N SER D 13 19.66 2.70 4.58
CA SER D 13 20.62 2.03 5.49
C SER D 13 19.97 1.81 6.87
N LYS D 14 18.80 2.41 7.13
CA LYS D 14 18.12 2.37 8.45
C LYS D 14 16.86 1.50 8.42
N ALA D 15 16.40 1.06 7.24
CA ALA D 15 15.16 0.24 7.08
C ALA D 15 15.22 -1.02 7.95
N GLY D 16 16.32 -1.74 7.89
CA GLY D 16 16.50 -3.01 8.64
C GLY D 16 16.43 -2.77 10.15
N LEU D 17 16.83 -1.58 10.61
CA LEU D 17 16.80 -1.24 12.05
C LEU D 17 15.35 -1.04 12.48
N VAL D 18 14.53 -0.44 11.59
CA VAL D 18 13.13 -0.17 11.92
C VAL D 18 12.38 -1.50 11.92
N ILE D 19 12.64 -2.35 10.93
CA ILE D 19 11.95 -3.67 10.85
C ILE D 19 12.49 -4.58 11.96
N GLY D 20 13.81 -4.64 12.09
CA GLY D 20 14.51 -5.48 13.10
C GLY D 20 14.53 -6.94 12.68
N LYS D 21 15.18 -7.81 13.44
CA LYS D 21 15.35 -9.25 13.07
C LYS D 21 14.01 -9.98 13.24
N GLY D 22 13.56 -10.68 12.21
CA GLY D 22 12.24 -11.36 12.20
C GLY D 22 11.07 -10.36 12.31
N GLY D 23 11.29 -9.09 11.97
CA GLY D 23 10.26 -8.02 12.04
C GLY D 23 9.91 -7.64 13.48
N GLU D 24 10.71 -8.05 14.45
CA GLU D 24 10.37 -7.88 15.88
C GLU D 24 10.36 -6.38 16.27
N THR D 25 11.19 -5.56 15.67
CA THR D 25 11.22 -4.12 16.00
C THR D 25 9.96 -3.42 15.44
N ILE D 26 9.56 -3.67 14.22
CA ILE D 26 8.35 -2.99 13.70
C ILE D 26 7.11 -3.46 14.48
N LYS D 27 7.10 -4.71 14.89
CA LYS D 27 6.03 -5.25 15.76
C LYS D 27 5.99 -4.42 17.04
N GLN D 28 7.14 -4.28 17.70
CA GLN D 28 7.17 -3.64 19.03
C GLN D 28 6.83 -2.14 18.88
N LEU D 29 7.25 -1.49 17.81
CA LEU D 29 6.90 -0.08 17.58
C LEU D 29 5.40 0.04 17.50
N GLN D 30 4.75 -0.82 16.72
CA GLN D 30 3.30 -0.79 16.53
C GLN D 30 2.63 -1.00 17.89
N GLU D 31 3.08 -1.98 18.68
CA GLU D 31 2.46 -2.29 19.99
C GLU D 31 2.68 -1.11 20.93
N ARG D 32 3.88 -0.56 20.98
CA ARG D 32 4.20 0.51 21.97
C ARG D 32 3.41 1.76 21.66
N ALA D 33 3.24 2.13 20.39
CA ALA D 33 2.58 3.40 19.97
C ALA D 33 1.08 3.19 19.76
N GLY D 34 0.59 1.94 19.63
CA GLY D 34 -0.82 1.65 19.33
C GLY D 34 -1.22 2.09 17.93
N VAL D 35 -0.35 1.84 16.94
CA VAL D 35 -0.60 2.19 15.52
C VAL D 35 -0.30 0.98 14.66
N LYS D 36 -0.67 1.08 13.38
CA LYS D 36 -0.21 0.13 12.36
C LYS D 36 0.94 0.75 11.60
N MET D 37 1.91 -0.07 11.26
CA MET D 37 3.04 0.34 10.42
C MET D 37 3.29 -0.70 9.32
N VAL D 38 3.73 -0.20 8.16
CA VAL D 38 4.33 -1.03 7.13
C VAL D 38 5.43 -0.20 6.48
N MET D 39 6.57 -0.82 6.31
CA MET D 39 7.70 -0.24 5.53
C MET D 39 7.44 -0.63 4.09
N ILE D 40 7.40 0.35 3.20
CA ILE D 40 7.19 0.17 1.75
C ILE D 40 8.57 0.19 1.13
N GLN D 41 8.96 -0.95 0.53
CA GLN D 41 10.36 -1.29 0.16
C GLN D 41 10.37 -1.66 -1.34
N ASP D 42 11.54 -1.89 -1.93
CA ASP D 42 11.67 -2.03 -3.41
C ASP D 42 11.98 -3.48 -3.79
N GLY D 43 12.20 -4.38 -2.84
CA GLY D 43 12.74 -5.73 -3.12
C GLY D 43 13.96 -5.65 -4.04
N PRO D 44 13.99 -6.41 -5.15
CA PRO D 44 15.19 -6.46 -5.98
C PRO D 44 15.50 -5.11 -6.67
N GLN D 45 14.56 -4.16 -6.61
CA GLN D 45 14.63 -2.88 -7.37
C GLN D 45 15.21 -1.77 -6.47
N ASN D 46 15.52 -2.10 -5.22
CA ASN D 46 16.29 -1.25 -4.28
C ASN D 46 17.58 -0.77 -4.96
N THR D 47 17.80 0.55 -4.99
CA THR D 47 19.09 1.18 -5.37
C THR D 47 19.48 2.21 -4.29
N GLY D 48 18.82 2.11 -3.12
CA GLY D 48 19.20 2.89 -1.93
C GLY D 48 18.43 4.20 -1.79
N ALA D 49 17.26 4.29 -2.40
CA ALA D 49 16.32 5.41 -2.14
C ALA D 49 15.72 5.23 -0.72
N ASP D 50 15.34 6.33 -0.12
CA ASP D 50 14.52 6.38 1.11
C ASP D 50 13.32 5.47 0.93
N LYS D 51 12.89 4.89 2.02
CA LYS D 51 11.73 3.97 2.06
C LYS D 51 10.65 4.57 2.94
N PRO D 52 9.42 4.72 2.45
CA PRO D 52 8.34 5.25 3.24
C PRO D 52 7.90 4.22 4.28
N LEU D 53 7.89 4.63 5.53
CA LEU D 53 7.27 3.87 6.61
C LEU D 53 5.88 4.44 6.79
N ARG D 54 4.86 3.66 6.56
CA ARG D 54 3.49 4.16 6.58
C ARG D 54 2.93 3.85 7.96
N ILE D 55 2.50 4.90 8.68
CA ILE D 55 1.99 4.82 10.06
C ILE D 55 0.54 5.22 9.99
N THR D 56 -0.33 4.38 10.55
CA THR D 56 -1.78 4.58 10.47
C THR D 56 -2.34 4.47 11.88
N GLY D 57 -3.14 5.41 12.24
CA GLY D 57 -3.93 5.33 13.44
C GLY D 57 -4.47 6.67 13.85
N ASP D 58 -4.75 6.78 15.13
CA ASP D 58 -5.18 8.03 15.77
C ASP D 58 -4.13 9.10 15.52
N PRO D 59 -4.51 10.34 15.17
CA PRO D 59 -3.52 11.36 14.84
C PRO D 59 -2.45 11.57 15.93
N TYR D 60 -2.86 11.53 17.19
CA TYR D 60 -1.90 11.75 18.32
C TYR D 60 -0.96 10.55 18.45
N LYS D 61 -1.47 9.34 18.32
CA LYS D 61 -0.66 8.10 18.35
C LYS D 61 0.28 8.06 17.17
N VAL D 62 -0.13 8.56 16.02
CA VAL D 62 0.76 8.63 14.83
C VAL D 62 1.92 9.60 15.14
N GLN D 63 1.62 10.78 15.69
CA GLN D 63 2.63 11.79 16.07
C GLN D 63 3.59 11.16 17.11
N GLN D 64 3.09 10.45 18.10
CA GLN D 64 3.98 9.78 19.12
C GLN D 64 4.86 8.74 18.42
N ALA D 65 4.27 7.94 17.52
CA ALA D 65 4.97 6.86 16.83
C ALA D 65 6.07 7.47 15.96
N LYS D 66 5.80 8.60 15.32
CA LYS D 66 6.81 9.28 14.49
C LYS D 66 8.00 9.63 15.38
N GLU D 67 7.76 10.15 16.58
CA GLU D 67 8.87 10.49 17.49
C GLU D 67 9.69 9.20 17.83
N MET D 68 9.02 8.11 18.15
CA MET D 68 9.74 6.84 18.46
C MET D 68 10.64 6.42 17.30
N VAL D 69 10.12 6.45 16.10
CA VAL D 69 10.88 6.05 14.90
C VAL D 69 12.07 7.00 14.68
N LEU D 70 11.83 8.32 14.75
CA LEU D 70 12.90 9.29 14.48
CA LEU D 70 12.89 9.30 14.49
C LEU D 70 14.00 9.07 15.51
N GLU D 71 13.65 8.76 16.75
CA GLU D 71 14.69 8.52 17.82
C GLU D 71 15.46 7.23 17.50
N LEU D 72 14.78 6.22 17.04
CA LEU D 72 15.41 4.92 16.72
C LEU D 72 16.44 5.10 15.61
N ILE D 73 16.11 5.84 14.55
CA ILE D 73 16.98 5.93 13.35
C ILE D 73 18.04 7.02 13.53
N ARG D 74 17.87 7.95 14.49
CA ARG D 74 18.87 8.94 14.93
C ARG D 74 20.04 8.18 15.51
S SO4 E . -17.19 18.00 4.74
O1 SO4 E . -15.99 17.31 5.11
O2 SO4 E . -17.82 18.53 5.92
O3 SO4 E . -18.09 17.10 4.08
O4 SO4 E . -16.87 19.09 3.84
S SO4 F . -26.38 3.21 -0.01
O1 SO4 F . -25.97 2.72 1.28
O2 SO4 F . -25.93 4.58 -0.18
O3 SO4 F . -25.77 2.39 -1.03
O4 SO4 F . -27.80 3.15 -0.12
S SO4 G . -21.59 -12.98 -4.55
O1 SO4 G . -20.50 -13.15 -3.62
O2 SO4 G . -22.83 -12.80 -3.81
O3 SO4 G . -21.71 -14.14 -5.38
O4 SO4 G . -21.35 -11.82 -5.37
C1 GOL H . -5.40 -4.04 1.90
O1 GOL H . -6.51 -4.33 1.05
C2 GOL H . -4.09 -4.18 1.16
O2 GOL H . -3.96 -5.51 0.65
C3 GOL H . -2.90 -3.84 2.03
O3 GOL H . -3.02 -2.53 2.55
S SO4 I . 18.71 -6.43 7.68
O1 SO4 I . 19.66 -5.36 7.85
O2 SO4 I . 18.53 -7.10 8.94
O3 SO4 I . 17.45 -5.89 7.24
O4 SO4 I . 19.20 -7.36 6.70
#